data_6T7H
#
_entry.id   6T7H
#
_cell.length_a   64.664
_cell.length_b   101.343
_cell.length_c   119.129
_cell.angle_alpha   90.000
_cell.angle_beta   90.000
_cell.angle_gamma   90.000
#
_symmetry.space_group_name_H-M   'P 21 21 21'
#
loop_
_entity.id
_entity.type
_entity.pdbx_description
1 polymer 'Thrombin light chain'
2 polymer 'Thrombin heavy chain'
3 non-polymer 2-acetamido-2-deoxy-beta-D-glucopyranose
4 non-polymer 1,2-ETHANEDIOL
5 non-polymer (14S,17R)-14-(3-carbamimidamidopropyl)-3-(furan-2-ylmethyl)-5,12,15-tris(oxidanylidene)-19-thia-3,6,13,16-tetrazatricyclo[19.4.0.0^{6,10}]pentacosa-1(25),7,9,21,23-pentaene-17-carboxamide
6 non-polymer 'SODIUM ION'
7 water water
#
loop_
_entity_poly.entity_id
_entity_poly.type
_entity_poly.pdbx_seq_one_letter_code
_entity_poly.pdbx_strand_id
1 'polypeptide(L)' TFGSGEADCGLRPLFEKKSLEDKTERELLESYIDGR A,L
2 'polypeptide(L)'
;IVEGSDAEIGMSPWQVMLFRKSPQELLCGASLISDRWVLTAAHCLLYPPWDKNFTENDLLVRIGKHSRTRYERNIEKISM
LEKIYIHPRYNWRENLDRDIALMKLKKPVAFSDYIHPVCLPDRETAASLLQAGYKGRVTGWGNLKETWTANVGKGQPSVL
QVVNLPIVERPVCKDSTRIRITDNMFCAGYKPDEGKRGDACEGDSGGPFVMKSPFNNRWYQMGIVSWGEGCDRDGKYGFY
THVFRLKKWIQKVIDQFGE
;
B,H
#
loop_
_chem_comp.id
_chem_comp.type
_chem_comp.name
_chem_comp.formula
EDO non-polymer 1,2-ETHANEDIOL 'C2 H6 O2'
MRQ peptide-like (14S,17R)-14-(3-carbamimidamidopropyl)-3-(furan-2-ylmethyl)-5,12,15-tris(oxidanylidene)-19-thia-3,6,13,16-tetrazatricyclo[19.4.0.0^{6,10}]pentacosa-1(25),7,9,21,23-pentaene-17-carboxamide 'C30 H38 N8 O5 S'
NA non-polymer 'SODIUM ION' 'Na 1'
NAG D-saccharide, beta linking 2-acetamido-2-deoxy-beta-D-glucopyranose 'C8 H15 N O6'
#
# COMPACT_ATOMS: atom_id res chain seq x y z
N GLU A 6 -3.52 -30.86 4.91
CA GLU A 6 -2.04 -31.15 4.99
C GLU A 6 -1.44 -30.99 3.58
N ALA A 7 -1.09 -32.11 2.95
CA ALA A 7 -0.60 -32.15 1.58
C ALA A 7 -1.79 -32.31 0.63
N ASP A 8 -2.97 -32.57 1.22
CA ASP A 8 -4.17 -32.77 0.44
C ASP A 8 -5.06 -31.50 0.42
N CYS A 9 -4.53 -30.38 0.93
CA CYS A 9 -5.33 -29.17 1.06
C CYS A 9 -5.85 -28.66 -0.28
N GLY A 10 -7.11 -28.22 -0.26
CA GLY A 10 -7.61 -27.33 -1.31
C GLY A 10 -8.18 -28.09 -2.50
N LEU A 11 -8.25 -29.41 -2.38
CA LEU A 11 -8.91 -30.25 -3.37
C LEU A 11 -10.20 -30.78 -2.77
N ARG A 12 -11.33 -30.40 -3.36
CA ARG A 12 -12.62 -30.61 -2.72
C ARG A 12 -13.10 -32.03 -3.06
N PRO A 13 -13.43 -32.89 -2.06
CA PRO A 13 -14.00 -34.21 -2.35
C PRO A 13 -15.07 -34.23 -3.44
N LEU A 14 -15.96 -33.23 -3.47
CA LEU A 14 -17.14 -33.35 -4.33
C LEU A 14 -16.95 -32.58 -5.64
N PHE A 15 -15.75 -32.05 -5.87
CA PHE A 15 -15.46 -31.32 -7.10
C PHE A 15 -14.18 -31.83 -7.76
N GLU A 16 -13.03 -31.37 -7.27
CA GLU A 16 -11.77 -31.65 -7.95
C GLU A 16 -11.49 -33.15 -7.97
N LYS A 17 -11.80 -33.84 -6.87
CA LYS A 17 -11.46 -35.24 -6.64
C LYS A 17 -12.34 -36.16 -7.47
N LYS A 18 -13.39 -35.60 -8.08
CA LYS A 18 -14.30 -36.37 -8.90
C LYS A 18 -14.29 -35.77 -10.29
N SER A 19 -13.29 -34.91 -10.54
CA SER A 19 -13.22 -34.21 -11.82
C SER A 19 -14.59 -33.60 -12.11
N LEU A 20 -15.08 -32.75 -11.21
CA LEU A 20 -16.28 -31.96 -11.42
C LEU A 20 -16.00 -30.50 -11.05
N GLU A 21 -16.51 -29.57 -11.88
CA GLU A 21 -16.38 -28.13 -11.70
C GLU A 21 -17.66 -27.53 -11.08
N ASP A 22 -17.49 -26.54 -10.20
CA ASP A 22 -18.67 -25.84 -9.69
C ASP A 22 -19.14 -24.87 -10.76
N LYS A 23 -20.31 -24.27 -10.53
CA LYS A 23 -20.97 -23.43 -11.51
C LYS A 23 -20.28 -22.08 -11.74
N THR A 24 -19.29 -21.69 -10.91
CA THR A 24 -18.79 -20.33 -11.17
C THR A 24 -17.28 -20.26 -11.22
N GLU A 25 -16.58 -21.38 -10.95
CA GLU A 25 -15.12 -21.39 -10.94
C GLU A 25 -14.53 -20.89 -12.27
N ARG A 26 -15.23 -21.16 -13.37
N ARG A 26 -15.21 -21.16 -13.39
CA ARG A 26 -14.83 -20.71 -14.71
CA ARG A 26 -14.82 -20.71 -14.71
C ARG A 26 -14.65 -19.19 -14.73
C ARG A 26 -14.65 -19.18 -14.74
N GLU A 27 -15.44 -18.46 -13.93
CA GLU A 27 -15.40 -17.01 -13.91
C GLU A 27 -14.04 -16.52 -13.40
N LEU A 28 -13.46 -17.27 -12.47
CA LEU A 28 -12.18 -16.93 -11.86
C LEU A 28 -11.09 -17.16 -12.90
N LEU A 29 -11.13 -18.34 -13.53
CA LEU A 29 -10.17 -18.67 -14.58
C LEU A 29 -10.23 -17.64 -15.68
N GLU A 30 -11.43 -17.28 -16.12
CA GLU A 30 -11.58 -16.23 -17.12
C GLU A 30 -10.89 -14.93 -16.70
N SER A 31 -11.02 -14.57 -15.41
CA SER A 31 -10.40 -13.35 -14.89
C SER A 31 -8.88 -13.44 -14.97
N TYR A 32 -8.30 -14.64 -14.96
CA TYR A 32 -6.84 -14.71 -14.95
C TYR A 32 -6.29 -14.45 -16.36
N ILE A 33 -7.08 -14.80 -17.38
CA ILE A 33 -6.64 -14.84 -18.76
C ILE A 33 -7.09 -13.57 -19.50
N ASP A 34 -8.37 -13.19 -19.33
CA ASP A 34 -8.99 -12.17 -20.17
C ASP A 34 -8.57 -10.77 -19.73
N GLY A 35 -8.10 -9.97 -20.71
CA GLY A 35 -7.86 -8.55 -20.57
C GLY A 35 -9.13 -7.74 -20.84
N ILE B 1 -23.61 -12.06 2.46
CA ILE B 1 -23.11 -11.86 1.04
C ILE B 1 -24.21 -11.17 0.25
N VAL B 2 -23.87 -10.02 -0.35
CA VAL B 2 -24.77 -9.25 -1.17
C VAL B 2 -24.52 -9.61 -2.64
N GLU B 3 -25.61 -9.88 -3.40
CA GLU B 3 -25.60 -10.19 -4.82
C GLU B 3 -24.81 -11.46 -5.13
N GLY B 4 -24.83 -12.41 -4.19
CA GLY B 4 -24.23 -13.72 -4.43
C GLY B 4 -25.28 -14.75 -4.81
N SER B 5 -24.92 -16.03 -4.75
CA SER B 5 -25.91 -17.04 -5.10
C SER B 5 -25.74 -18.22 -4.16
N ASP B 6 -26.72 -19.13 -4.20
CA ASP B 6 -26.67 -20.32 -3.38
C ASP B 6 -25.41 -21.10 -3.75
N ALA B 7 -24.67 -21.56 -2.75
CA ALA B 7 -23.57 -22.46 -2.96
C ALA B 7 -24.12 -23.84 -3.30
N GLU B 8 -23.33 -24.61 -4.07
CA GLU B 8 -23.57 -26.03 -4.23
C GLU B 8 -23.02 -26.76 -3.02
N ILE B 9 -23.65 -27.91 -2.72
CA ILE B 9 -23.29 -28.74 -1.58
C ILE B 9 -21.80 -29.09 -1.69
N GLY B 10 -21.02 -28.75 -0.66
CA GLY B 10 -19.61 -29.14 -0.60
C GLY B 10 -18.69 -28.31 -1.51
N MET B 11 -19.20 -27.19 -2.01
CA MET B 11 -18.49 -26.22 -2.82
C MET B 11 -17.39 -25.54 -2.00
N SER B 12 -17.56 -25.48 -0.68
CA SER B 12 -16.66 -24.73 0.18
C SER B 12 -16.49 -25.52 1.49
N PRO B 13 -15.84 -26.70 1.39
CA PRO B 13 -15.77 -27.65 2.49
C PRO B 13 -14.93 -27.16 3.65
N TRP B 14 -14.16 -26.08 3.42
CA TRP B 14 -13.32 -25.51 4.47
C TRP B 14 -14.12 -24.48 5.28
N GLN B 15 -15.42 -24.28 4.94
CA GLN B 15 -16.19 -23.21 5.57
C GLN B 15 -16.44 -23.52 7.04
N VAL B 16 -16.31 -22.50 7.92
CA VAL B 16 -16.55 -22.73 9.34
C VAL B 16 -17.47 -21.63 9.91
N MET B 17 -18.39 -22.01 10.82
CA MET B 17 -19.25 -21.07 11.53
C MET B 17 -18.70 -20.84 12.94
N LEU B 18 -18.63 -19.58 13.37
CA LEU B 18 -18.21 -19.27 14.74
C LEU B 18 -19.42 -18.83 15.57
N PHE B 19 -19.67 -19.55 16.67
CA PHE B 19 -20.82 -19.23 17.50
C PHE B 19 -20.36 -18.78 18.89
N ARG B 20 -21.10 -17.82 19.44
CA ARG B 20 -21.18 -17.64 20.88
C ARG B 20 -21.93 -18.84 21.48
N LYS B 21 -21.39 -19.41 22.56
CA LYS B 21 -22.02 -20.54 23.24
C LYS B 21 -23.37 -20.16 23.86
N SER B 22 -23.36 -19.14 24.74
CA SER B 22 -24.53 -18.77 25.53
C SER B 22 -24.59 -17.24 25.72
N PRO B 23 -25.68 -16.56 25.31
CA PRO B 23 -26.73 -17.16 24.49
C PRO B 23 -26.23 -17.51 23.09
N GLN B 24 -26.75 -18.60 22.51
CA GLN B 24 -26.40 -19.14 21.19
C GLN B 24 -26.62 -18.08 20.11
N GLU B 25 -25.55 -17.80 19.35
CA GLU B 25 -25.55 -16.69 18.42
C GLU B 25 -24.41 -16.87 17.41
N LEU B 26 -24.79 -16.91 16.12
CA LEU B 26 -23.82 -16.92 15.02
C LEU B 26 -23.05 -15.59 15.03
N LEU B 27 -21.72 -15.66 15.16
CA LEU B 27 -20.91 -14.44 15.26
C LEU B 27 -20.21 -14.09 13.95
N CYS B 28 -19.68 -15.10 13.25
CA CYS B 28 -18.71 -14.84 12.19
C CYS B 28 -18.48 -16.09 11.38
N GLY B 29 -17.90 -15.86 10.19
CA GLY B 29 -17.31 -16.88 9.35
C GLY B 29 -15.89 -17.17 9.83
N ALA B 30 -15.31 -18.21 9.23
CA ALA B 30 -13.96 -18.69 9.54
C ALA B 30 -13.63 -19.79 8.55
N SER B 31 -12.43 -20.35 8.67
CA SER B 31 -12.06 -21.40 7.72
C SER B 31 -11.17 -22.42 8.40
N LEU B 32 -11.25 -23.65 7.89
CA LEU B 32 -10.46 -24.78 8.33
C LEU B 32 -9.18 -24.87 7.50
N ILE B 33 -8.01 -24.69 8.14
CA ILE B 33 -6.73 -24.80 7.45
C ILE B 33 -5.98 -26.09 7.80
N SER B 34 -6.48 -26.86 8.77
CA SER B 34 -5.93 -28.18 9.08
C SER B 34 -6.93 -28.90 9.98
N ASP B 35 -6.59 -30.10 10.45
CA ASP B 35 -7.59 -30.87 11.17
C ASP B 35 -7.89 -30.23 12.53
N ARG B 36 -7.00 -29.33 12.99
CA ARG B 36 -7.19 -28.75 14.31
C ARG B 36 -7.07 -27.23 14.34
N TRP B 37 -6.88 -26.59 13.17
CA TRP B 37 -6.71 -25.14 13.16
C TRP B 37 -7.76 -24.44 12.30
N VAL B 38 -8.28 -23.33 12.84
CA VAL B 38 -9.29 -22.54 12.17
C VAL B 38 -8.85 -21.08 12.16
N LEU B 39 -8.98 -20.43 11.00
CA LEU B 39 -8.54 -19.05 10.83
C LEU B 39 -9.76 -18.15 10.82
N THR B 40 -9.62 -16.94 11.38
CA THR B 40 -10.74 -16.01 11.38
C THR B 40 -10.18 -14.60 11.57
N ALA B 41 -11.08 -13.62 11.61
CA ALA B 41 -10.71 -12.24 11.84
C ALA B 41 -10.47 -12.02 13.33
N ALA B 42 -9.43 -11.25 13.68
CA ALA B 42 -9.24 -10.90 15.07
C ALA B 42 -10.48 -10.18 15.61
N HIS B 43 -11.08 -9.28 14.80
CA HIS B 43 -12.18 -8.48 15.34
C HIS B 43 -13.37 -9.34 15.73
N CYS B 44 -13.43 -10.60 15.28
CA CYS B 44 -14.51 -11.50 15.66
C CYS B 44 -14.38 -11.90 17.14
N LEU B 45 -13.17 -11.77 17.69
CA LEU B 45 -12.90 -12.22 19.05
C LEU B 45 -12.71 -11.02 19.97
N LEU B 46 -12.13 -9.95 19.43
CA LEU B 46 -11.79 -8.77 20.18
C LEU B 46 -12.14 -7.56 19.35
N TYR B 47 -13.05 -6.72 19.87
CA TYR B 47 -13.35 -5.42 19.29
C TYR B 47 -13.90 -4.48 20.38
N PRO B 48 -13.03 -3.83 21.19
CA PRO B 48 -13.47 -2.92 22.23
C PRO B 48 -14.64 -2.00 21.85
N PRO B 49 -14.62 -1.28 20.69
CA PRO B 49 -15.68 -0.32 20.36
C PRO B 49 -17.09 -0.91 20.48
N TRP B 50 -17.18 -2.24 20.39
CA TRP B 50 -18.46 -2.93 20.37
C TRP B 50 -18.55 -3.89 21.53
N ASP B 51 -17.58 -3.81 22.45
CA ASP B 51 -17.59 -4.53 23.70
C ASP B 51 -17.41 -6.04 23.50
N LYS B 52 -16.81 -6.45 22.38
CA LYS B 52 -16.56 -7.86 22.08
C LYS B 52 -15.21 -8.27 22.67
N ASN B 53 -15.23 -9.30 23.51
CA ASN B 53 -14.02 -9.82 24.10
C ASN B 53 -14.25 -11.28 24.48
N PHE B 54 -14.28 -12.14 23.45
CA PHE B 54 -14.50 -13.56 23.63
C PHE B 54 -13.18 -14.29 23.83
N THR B 55 -13.27 -15.36 24.63
CA THR B 55 -12.17 -16.27 24.92
C THR B 55 -12.65 -17.67 24.56
N GLU B 56 -11.73 -18.64 24.61
CA GLU B 56 -11.91 -20.00 24.13
C GLU B 56 -13.22 -20.61 24.60
N ASN B 57 -13.63 -20.27 25.82
CA ASN B 57 -14.69 -21.03 26.48
C ASN B 57 -16.06 -20.46 26.13
N ASP B 58 -16.06 -19.24 25.55
CA ASP B 58 -17.29 -18.56 25.18
C ASP B 58 -17.79 -19.06 23.84
N LEU B 59 -16.99 -19.88 23.14
CA LEU B 59 -17.22 -20.09 21.72
C LEU B 59 -17.32 -21.56 21.37
N LEU B 60 -17.94 -21.81 20.21
CA LEU B 60 -17.82 -23.07 19.49
C LEU B 60 -17.87 -22.82 17.98
N VAL B 61 -17.52 -23.87 17.20
CA VAL B 61 -17.54 -23.72 15.76
C VAL B 61 -18.35 -24.88 15.21
N ARG B 62 -18.87 -24.67 14.00
CA ARG B 62 -19.60 -25.71 13.29
C ARG B 62 -19.01 -25.85 11.89
N ILE B 63 -18.71 -27.11 11.53
CA ILE B 63 -17.99 -27.43 10.30
C ILE B 63 -18.90 -28.31 9.46
N GLY B 64 -18.79 -28.18 8.14
CA GLY B 64 -19.49 -29.02 7.17
C GLY B 64 -20.91 -28.58 6.84
N LYS B 65 -21.36 -27.44 7.39
CA LYS B 65 -22.74 -27.06 7.22
C LYS B 65 -23.01 -26.54 5.80
N HIS B 66 -24.27 -26.61 5.39
CA HIS B 66 -24.78 -26.00 4.16
C HIS B 66 -25.86 -24.96 4.52
N SER B 67 -26.92 -25.44 5.22
CA SER B 67 -28.03 -24.61 5.66
C SER B 67 -27.59 -23.76 6.85
N ARG B 68 -28.05 -22.51 6.88
CA ARG B 68 -27.72 -21.58 7.94
C ARG B 68 -28.26 -22.04 9.30
N THR B 69 -29.51 -22.51 9.35
CA THR B 69 -30.18 -22.72 10.63
C THR B 69 -30.50 -24.20 10.91
N ARG B 70 -30.80 -25.00 9.87
CA ARG B 70 -31.22 -26.37 10.11
C ARG B 70 -30.05 -27.18 10.64
N TYR B 71 -30.32 -28.12 11.57
CA TYR B 71 -29.32 -29.12 11.96
C TYR B 71 -29.16 -30.15 10.83
N GLU B 72 -27.92 -30.58 10.60
CA GLU B 72 -27.57 -31.39 9.43
C GLU B 72 -26.80 -32.62 9.90
N ARG B 73 -27.55 -33.61 10.41
CA ARG B 73 -26.97 -34.79 11.08
C ARG B 73 -26.09 -35.58 10.12
N ASN B 74 -24.97 -36.09 10.64
CA ASN B 74 -24.14 -36.98 9.81
C ASN B 74 -23.37 -36.18 8.75
N ILE B 75 -23.45 -34.84 8.82
CA ILE B 75 -22.71 -33.97 7.90
C ILE B 75 -21.97 -32.93 8.74
N GLU B 76 -22.68 -32.17 9.57
CA GLU B 76 -22.04 -31.12 10.34
C GLU B 76 -21.42 -31.67 11.61
N LYS B 77 -20.38 -30.97 12.09
CA LYS B 77 -19.61 -31.40 13.24
C LYS B 77 -19.41 -30.20 14.15
N ILE B 78 -19.38 -30.46 15.45
CA ILE B 78 -19.28 -29.39 16.41
C ILE B 78 -17.96 -29.54 17.15
N SER B 79 -17.26 -28.42 17.34
CA SER B 79 -16.07 -28.49 18.16
C SER B 79 -15.97 -27.31 19.12
N MET B 80 -15.32 -27.58 20.26
CA MET B 80 -14.95 -26.55 21.23
C MET B 80 -13.53 -26.07 20.91
N LEU B 81 -13.06 -25.08 21.65
CA LEU B 81 -11.76 -24.50 21.31
C LEU B 81 -10.83 -24.61 22.51
N GLU B 82 -9.64 -25.17 22.26
CA GLU B 82 -8.61 -25.24 23.27
C GLU B 82 -8.06 -23.84 23.56
N LYS B 83 -7.52 -23.14 22.55
CA LYS B 83 -6.99 -21.80 22.77
C LYS B 83 -7.32 -20.88 21.58
N ILE B 84 -7.23 -19.57 21.83
CA ILE B 84 -7.50 -18.48 20.90
C ILE B 84 -6.19 -17.69 20.77
N TYR B 85 -5.78 -17.37 19.54
CA TYR B 85 -4.58 -16.59 19.35
C TYR B 85 -4.82 -15.40 18.43
N ILE B 86 -4.77 -14.21 19.02
CA ILE B 86 -4.94 -12.96 18.29
C ILE B 86 -3.56 -12.38 17.99
N HIS B 87 -3.38 -11.87 16.77
CA HIS B 87 -2.11 -11.31 16.38
C HIS B 87 -1.74 -10.15 17.30
N PRO B 88 -0.55 -10.24 17.96
CA PRO B 88 -0.10 -9.24 18.93
C PRO B 88 -0.13 -7.79 18.48
N ARG B 89 -0.09 -7.52 17.17
CA ARG B 89 -0.04 -6.14 16.71
C ARG B 89 -1.32 -5.76 15.97
N TYR B 90 -2.38 -6.57 16.17
CA TYR B 90 -3.73 -6.22 15.74
C TYR B 90 -4.10 -4.82 16.22
N ASN B 91 -4.50 -3.97 15.28
CA ASN B 91 -4.83 -2.58 15.60
C ASN B 91 -6.31 -2.32 15.27
N TRP B 92 -7.15 -2.32 16.32
CA TRP B 92 -8.57 -2.08 16.18
C TRP B 92 -8.91 -0.60 16.25
N ARG B 93 -7.98 0.19 16.80
CA ARG B 93 -8.18 1.60 17.05
C ARG B 93 -8.22 2.38 15.73
N GLU B 94 -7.22 2.15 14.87
CA GLU B 94 -6.95 2.99 13.72
C GLU B 94 -7.53 2.41 12.43
N ASN B 95 -7.28 1.13 12.14
CA ASN B 95 -7.41 0.69 10.75
C ASN B 95 -7.58 -0.82 10.57
N LEU B 96 -7.81 -1.58 11.67
CA LEU B 96 -7.90 -3.04 11.70
C LEU B 96 -6.70 -3.71 11.01
N ASP B 97 -5.52 -3.05 11.08
CA ASP B 97 -4.28 -3.69 10.67
C ASP B 97 -4.11 -5.01 11.41
N ARG B 98 -3.65 -6.04 10.68
CA ARG B 98 -3.39 -7.38 11.20
C ARG B 98 -4.63 -7.98 11.87
N ASP B 99 -5.77 -7.87 11.18
CA ASP B 99 -7.04 -8.41 11.66
C ASP B 99 -7.08 -9.92 11.41
N ILE B 100 -6.41 -10.68 12.28
CA ILE B 100 -6.28 -12.12 12.07
C ILE B 100 -6.17 -12.79 13.43
N ALA B 101 -6.75 -14.00 13.49
CA ALA B 101 -6.70 -14.81 14.70
C ALA B 101 -6.73 -16.27 14.28
N LEU B 102 -6.16 -17.12 15.15
CA LEU B 102 -6.14 -18.56 14.95
C LEU B 102 -6.91 -19.18 16.11
N MET B 103 -7.58 -20.29 15.84
CA MET B 103 -8.35 -20.97 16.85
C MET B 103 -8.00 -22.46 16.79
N LYS B 104 -7.39 -22.98 17.87
CA LYS B 104 -7.12 -24.41 17.88
C LYS B 104 -8.32 -25.16 18.43
N LEU B 105 -8.76 -26.15 17.65
CA LEU B 105 -9.83 -27.03 18.06
C LEU B 105 -9.37 -27.87 19.26
N LYS B 106 -10.26 -28.07 20.23
CA LYS B 106 -9.87 -28.87 21.38
C LYS B 106 -9.54 -30.28 20.90
N LYS B 107 -10.38 -30.82 20.01
CA LYS B 107 -10.18 -32.14 19.44
C LYS B 107 -10.15 -32.05 17.91
N PRO B 108 -9.16 -32.70 17.25
CA PRO B 108 -9.12 -32.78 15.79
C PRO B 108 -10.46 -33.15 15.16
N VAL B 109 -10.75 -32.58 13.97
CA VAL B 109 -11.99 -32.89 13.26
C VAL B 109 -11.69 -33.90 12.15
N ALA B 110 -12.67 -34.76 11.85
CA ALA B 110 -12.51 -35.78 10.84
C ALA B 110 -12.88 -35.18 9.49
N PHE B 111 -11.97 -35.30 8.52
CA PHE B 111 -12.25 -34.88 7.16
C PHE B 111 -13.38 -35.75 6.61
N SER B 112 -14.08 -35.24 5.58
CA SER B 112 -15.16 -35.96 4.94
C SER B 112 -15.39 -35.27 3.62
N ASP B 113 -16.52 -35.60 2.99
CA ASP B 113 -16.93 -35.00 1.74
C ASP B 113 -17.26 -33.53 1.98
N TYR B 114 -17.57 -33.16 3.23
CA TYR B 114 -18.20 -31.89 3.50
C TYR B 114 -17.26 -31.04 4.33
N ILE B 115 -16.17 -31.67 4.77
CA ILE B 115 -15.20 -31.06 5.65
C ILE B 115 -13.81 -31.37 5.12
N HIS B 116 -13.16 -30.32 4.58
CA HIS B 116 -11.83 -30.44 4.01
C HIS B 116 -11.11 -29.08 4.15
N PRO B 117 -9.80 -29.08 4.47
CA PRO B 117 -9.03 -27.84 4.60
C PRO B 117 -8.64 -27.17 3.27
N VAL B 118 -8.34 -25.87 3.37
CA VAL B 118 -7.92 -25.02 2.26
C VAL B 118 -6.41 -24.85 2.41
N CYS B 119 -5.71 -24.52 1.31
CA CYS B 119 -4.26 -24.33 1.37
C CYS B 119 -3.96 -22.87 1.72
N LEU B 120 -2.92 -22.65 2.52
CA LEU B 120 -2.43 -21.30 2.64
C LEU B 120 -1.43 -21.10 1.52
N PRO B 121 -1.32 -19.90 0.94
CA PRO B 121 -0.43 -19.66 -0.20
C PRO B 121 1.03 -19.50 0.18
N ASP B 122 1.90 -19.99 -0.71
CA ASP B 122 3.33 -19.71 -0.76
C ASP B 122 3.54 -18.42 -1.55
N ARG B 123 4.77 -17.89 -1.50
CA ARG B 123 5.15 -16.60 -2.10
C ARG B 123 4.74 -16.51 -3.57
N GLU B 124 4.86 -17.62 -4.30
CA GLU B 124 4.69 -17.62 -5.74
C GLU B 124 3.20 -17.51 -6.05
N THR B 125 2.39 -18.37 -5.42
CA THR B 125 0.95 -18.36 -5.60
C THR B 125 0.43 -16.96 -5.30
N ALA B 126 0.85 -16.39 -4.17
CA ALA B 126 0.40 -15.05 -3.83
C ALA B 126 0.82 -14.05 -4.90
N ALA B 127 2.09 -14.11 -5.34
CA ALA B 127 2.57 -13.11 -6.27
C ALA B 127 1.86 -13.26 -7.59
N SER B 128 1.57 -14.49 -7.99
CA SER B 128 0.89 -14.77 -9.24
C SER B 128 -0.59 -14.39 -9.23
N LEU B 129 -1.31 -14.79 -8.17
CA LEU B 129 -2.77 -14.68 -8.13
C LEU B 129 -3.24 -13.32 -7.61
N LEU B 130 -2.45 -12.63 -6.78
CA LEU B 130 -2.96 -11.43 -6.15
C LEU B 130 -2.75 -10.22 -7.03
N GLN B 131 -3.50 -10.14 -8.13
CA GLN B 131 -3.27 -9.03 -9.03
C GLN B 131 -4.60 -8.33 -9.32
N ALA B 132 -4.55 -7.01 -9.42
CA ALA B 132 -5.76 -6.23 -9.69
C ALA B 132 -6.49 -6.83 -10.89
N GLY B 133 -7.79 -7.14 -10.74
CA GLY B 133 -8.62 -7.59 -11.84
C GLY B 133 -8.82 -9.11 -11.81
N TYR B 134 -7.90 -9.82 -11.13
CA TYR B 134 -8.09 -11.24 -10.85
C TYR B 134 -9.16 -11.38 -9.76
N LYS B 135 -10.05 -12.36 -9.93
CA LYS B 135 -11.17 -12.52 -9.02
C LYS B 135 -10.87 -13.61 -8.00
N GLY B 136 -11.33 -13.37 -6.78
CA GLY B 136 -11.42 -14.43 -5.79
C GLY B 136 -12.87 -14.66 -5.41
N ARG B 137 -13.06 -15.59 -4.48
CA ARG B 137 -14.38 -16.02 -4.06
C ARG B 137 -14.52 -15.80 -2.55
N VAL B 138 -15.64 -15.15 -2.19
CA VAL B 138 -16.01 -14.93 -0.80
C VAL B 138 -17.29 -15.71 -0.51
N THR B 139 -17.38 -16.33 0.69
CA THR B 139 -18.49 -17.19 1.05
C THR B 139 -18.92 -16.89 2.47
N GLY B 140 -20.22 -16.99 2.77
CA GLY B 140 -20.62 -16.74 4.15
C GLY B 140 -22.12 -16.79 4.29
N TRP B 141 -22.59 -16.82 5.54
CA TRP B 141 -24.00 -16.82 5.88
C TRP B 141 -24.44 -15.47 6.44
N GLY B 142 -23.62 -14.43 6.24
CA GLY B 142 -24.00 -13.08 6.65
C GLY B 142 -25.14 -12.49 5.84
N ASN B 143 -25.44 -11.22 6.11
CA ASN B 143 -26.65 -10.59 5.60
C ASN B 143 -26.59 -10.43 4.09
N LEU B 144 -27.78 -10.44 3.46
CA LEU B 144 -27.97 -10.37 2.01
C LEU B 144 -27.93 -8.93 1.51
N LYS B 145 -28.08 -7.95 2.43
CA LYS B 145 -28.01 -6.54 2.06
C LYS B 145 -27.72 -5.67 3.29
N GLU B 146 -27.29 -4.44 3.06
CA GLU B 146 -26.89 -3.58 4.16
C GLU B 146 -28.06 -3.16 5.04
N THR B 147 -29.20 -2.78 4.44
CA THR B 147 -30.25 -2.16 5.23
C THR B 147 -31.37 -3.18 5.47
N TRP B 148 -32.01 -3.06 6.64
CA TRP B 148 -33.22 -3.76 7.09
C TRP B 148 -34.40 -3.47 6.18
N THR B 149 -35.24 -4.50 5.87
CA THR B 149 -36.61 -4.31 5.37
C THR B 149 -37.52 -5.41 5.93
N ALA B 150 -38.85 -5.32 5.67
CA ALA B 150 -39.83 -6.23 6.23
C ALA B 150 -39.64 -7.67 5.74
N ASN B 151 -39.07 -7.85 4.54
CA ASN B 151 -38.93 -9.17 3.95
C ASN B 151 -37.69 -9.88 4.49
N VAL B 152 -37.88 -10.64 5.60
CA VAL B 152 -36.87 -11.38 6.37
C VAL B 152 -35.86 -10.41 7.01
N GLY B 153 -36.32 -9.18 7.33
CA GLY B 153 -35.48 -8.18 7.99
C GLY B 153 -34.43 -7.59 7.05
N LYS B 154 -33.15 -7.68 7.48
CA LYS B 154 -32.00 -7.27 6.69
C LYS B 154 -31.70 -8.30 5.60
N GLY B 155 -32.47 -9.40 5.59
CA GLY B 155 -32.28 -10.50 4.65
C GLY B 155 -31.15 -11.41 5.11
N GLN B 156 -31.53 -12.59 5.58
CA GLN B 156 -30.58 -13.62 5.94
C GLN B 156 -30.86 -14.82 5.03
N PRO B 157 -29.81 -15.52 4.57
CA PRO B 157 -29.98 -16.62 3.60
C PRO B 157 -30.28 -17.98 4.24
N SER B 158 -30.96 -18.85 3.46
CA SER B 158 -31.17 -20.24 3.84
C SER B 158 -29.86 -21.02 3.76
N VAL B 159 -29.12 -20.84 2.65
CA VAL B 159 -27.95 -21.65 2.42
C VAL B 159 -26.70 -20.78 2.22
N LEU B 160 -25.53 -21.40 2.33
CA LEU B 160 -24.27 -20.68 2.25
C LEU B 160 -24.28 -19.88 0.96
N GLN B 161 -23.91 -18.59 1.04
CA GLN B 161 -23.88 -17.76 -0.15
C GLN B 161 -22.45 -17.65 -0.70
N VAL B 162 -22.35 -17.46 -2.01
CA VAL B 162 -21.07 -17.37 -2.69
C VAL B 162 -21.10 -16.20 -3.65
N VAL B 163 -20.00 -15.43 -3.70
CA VAL B 163 -19.87 -14.42 -4.74
C VAL B 163 -18.39 -14.34 -5.16
N ASN B 164 -18.17 -14.04 -6.45
CA ASN B 164 -16.82 -13.82 -6.95
C ASN B 164 -16.62 -12.32 -7.16
N LEU B 165 -15.44 -11.80 -6.77
CA LEU B 165 -15.19 -10.38 -6.83
C LEU B 165 -13.75 -10.18 -7.28
N PRO B 166 -13.49 -9.17 -8.13
CA PRO B 166 -12.15 -8.85 -8.56
C PRO B 166 -11.35 -8.06 -7.52
N ILE B 167 -10.07 -8.43 -7.39
CA ILE B 167 -9.12 -7.61 -6.64
C ILE B 167 -9.00 -6.23 -7.30
N VAL B 168 -8.87 -5.21 -6.45
CA VAL B 168 -8.84 -3.84 -6.91
C VAL B 168 -7.44 -3.25 -6.72
N GLU B 169 -7.05 -2.34 -7.62
CA GLU B 169 -5.81 -1.58 -7.55
C GLU B 169 -5.72 -0.85 -6.21
N ARG B 170 -4.55 -0.88 -5.57
N ARG B 170 -4.55 -0.91 -5.57
CA ARG B 170 -4.31 -0.26 -4.27
CA ARG B 170 -4.24 -0.25 -4.32
C ARG B 170 -4.63 1.24 -4.29
C ARG B 170 -4.67 1.21 -4.33
N PRO B 171 -4.25 2.02 -5.33
CA PRO B 171 -4.66 3.43 -5.42
C PRO B 171 -6.17 3.64 -5.30
N VAL B 172 -6.95 2.82 -6.02
CA VAL B 172 -8.40 2.87 -5.94
C VAL B 172 -8.87 2.48 -4.55
N CYS B 173 -8.32 1.38 -3.99
CA CYS B 173 -8.63 1.05 -2.61
C CYS B 173 -8.41 2.27 -1.72
N LYS B 174 -7.21 2.88 -1.80
CA LYS B 174 -6.74 3.94 -0.90
C LYS B 174 -7.60 5.20 -1.05
N ASP B 175 -7.93 5.56 -2.29
CA ASP B 175 -8.80 6.70 -2.55
C ASP B 175 -10.25 6.50 -2.08
N SER B 176 -10.67 5.26 -1.76
CA SER B 176 -12.09 5.01 -1.51
C SER B 176 -12.49 5.32 -0.07
N THR B 177 -11.50 5.62 0.79
CA THR B 177 -11.73 5.64 2.23
C THR B 177 -10.76 6.59 2.93
N ARG B 178 -11.23 7.22 4.00
CA ARG B 178 -10.42 8.06 4.86
C ARG B 178 -9.45 7.24 5.70
N ILE B 179 -9.70 5.93 5.85
CA ILE B 179 -8.92 5.06 6.74
C ILE B 179 -7.49 4.87 6.21
N ARG B 180 -6.51 4.81 7.11
CA ARG B 180 -5.14 4.63 6.68
C ARG B 180 -4.87 3.13 6.50
N ILE B 181 -5.03 2.64 5.27
CA ILE B 181 -4.91 1.23 5.00
C ILE B 181 -3.42 0.85 4.94
N THR B 182 -3.10 -0.43 5.09
CA THR B 182 -1.72 -0.86 5.21
C THR B 182 -1.46 -1.97 4.19
N ASP B 183 -0.22 -2.42 4.02
CA ASP B 183 0.05 -3.52 3.10
C ASP B 183 -0.48 -4.84 3.62
N ASN B 184 -1.18 -4.82 4.75
CA ASN B 184 -1.59 -6.07 5.37
C ASN B 184 -3.06 -6.34 5.06
N MET B 185 -3.65 -5.48 4.22
CA MET B 185 -5.01 -5.71 3.79
C MET B 185 -5.08 -5.35 2.31
N PHE B 186 -5.97 -6.00 1.57
CA PHE B 186 -6.27 -5.61 0.20
C PHE B 186 -7.78 -5.42 0.08
N CYS B 187 -8.22 -4.87 -1.05
CA CYS B 187 -9.64 -4.61 -1.21
C CYS B 187 -10.13 -5.20 -2.52
N ALA B 188 -11.44 -5.51 -2.55
CA ALA B 188 -11.97 -6.22 -3.69
C ALA B 188 -13.42 -5.79 -3.85
N GLY B 189 -13.92 -5.88 -5.08
CA GLY B 189 -15.24 -5.39 -5.42
C GLY B 189 -15.24 -4.84 -6.84
N TYR B 190 -16.41 -4.82 -7.48
CA TYR B 190 -16.56 -4.07 -8.73
C TYR B 190 -16.49 -2.57 -8.48
N LYS B 191 -15.95 -1.86 -9.47
CA LYS B 191 -15.99 -0.41 -9.56
C LYS B 191 -17.40 0.02 -10.00
N PRO B 192 -17.82 1.27 -9.71
CA PRO B 192 -19.14 1.76 -10.15
C PRO B 192 -19.44 1.57 -11.64
N ASP B 193 -18.44 1.78 -12.49
CA ASP B 193 -18.70 1.76 -13.92
C ASP B 193 -18.63 0.36 -14.50
N GLU B 194 -18.41 -0.66 -13.65
CA GLU B 194 -18.25 -2.02 -14.13
C GLU B 194 -19.59 -2.74 -14.29
N GLY B 195 -20.63 -2.25 -13.60
CA GLY B 195 -22.00 -2.76 -13.71
C GLY B 195 -22.21 -4.26 -13.43
N LYS B 196 -21.30 -4.87 -12.66
CA LYS B 196 -21.63 -6.01 -11.82
C LYS B 196 -21.51 -5.49 -10.39
N ARG B 197 -22.09 -6.18 -9.43
CA ARG B 197 -21.91 -5.76 -8.05
C ARG B 197 -21.76 -6.99 -7.16
N GLY B 198 -21.63 -6.77 -5.85
CA GLY B 198 -21.41 -7.87 -4.93
C GLY B 198 -20.50 -7.44 -3.79
N ASP B 199 -20.65 -8.07 -2.62
CA ASP B 199 -19.77 -7.71 -1.51
C ASP B 199 -19.99 -8.72 -0.39
N ALA B 200 -19.04 -8.79 0.55
CA ALA B 200 -19.33 -9.37 1.85
C ALA B 200 -20.24 -8.41 2.61
N CYS B 201 -20.81 -8.87 3.72
CA CYS B 201 -21.69 -8.00 4.49
C CYS B 201 -21.62 -8.43 5.96
N GLU B 202 -22.46 -7.81 6.80
CA GLU B 202 -22.40 -7.98 8.26
C GLU B 202 -22.61 -9.47 8.52
N GLY B 203 -21.76 -10.07 9.34
CA GLY B 203 -21.83 -11.51 9.57
C GLY B 203 -20.90 -12.34 8.66
N ASP B 204 -20.36 -11.75 7.57
CA ASP B 204 -19.43 -12.52 6.76
C ASP B 204 -18.02 -12.41 7.35
N SER B 205 -17.85 -11.47 8.30
CA SER B 205 -16.61 -11.19 8.99
C SER B 205 -15.92 -12.50 9.32
N GLY B 206 -14.62 -12.59 9.04
CA GLY B 206 -13.81 -13.69 9.50
C GLY B 206 -13.76 -14.87 8.52
N GLY B 207 -14.66 -14.87 7.53
CA GLY B 207 -14.68 -15.93 6.53
C GLY B 207 -13.65 -15.75 5.42
N PRO B 208 -13.52 -16.72 4.50
CA PRO B 208 -12.37 -16.75 3.60
C PRO B 208 -12.62 -16.07 2.25
N PHE B 209 -11.54 -15.46 1.74
CA PHE B 209 -11.42 -15.05 0.35
C PHE B 209 -10.47 -16.02 -0.36
N VAL B 210 -11.03 -16.85 -1.25
CA VAL B 210 -10.33 -17.96 -1.86
C VAL B 210 -10.08 -17.71 -3.34
N MET B 211 -8.96 -18.24 -3.84
CA MET B 211 -8.63 -18.31 -5.26
C MET B 211 -8.20 -19.73 -5.64
N LYS B 212 -8.60 -20.17 -6.83
CA LYS B 212 -8.18 -21.47 -7.34
C LYS B 212 -6.96 -21.32 -8.24
N SER B 213 -5.83 -21.91 -7.84
CA SER B 213 -4.59 -21.87 -8.63
C SER B 213 -4.75 -22.61 -9.96
N PRO B 214 -4.44 -21.98 -11.09
CA PRO B 214 -4.48 -22.72 -12.37
C PRO B 214 -3.25 -23.62 -12.56
N PHE B 215 -2.21 -23.43 -11.73
CA PHE B 215 -1.02 -24.26 -11.68
C PHE B 215 -1.26 -25.67 -11.11
N ASN B 216 -2.06 -25.83 -10.03
CA ASN B 216 -2.19 -27.15 -9.42
C ASN B 216 -3.65 -27.48 -9.09
N ASN B 217 -4.58 -26.63 -9.53
CA ASN B 217 -6.01 -26.83 -9.35
C ASN B 217 -6.46 -26.77 -7.89
N ARG B 218 -5.67 -26.18 -7.00
CA ARG B 218 -5.99 -26.22 -5.58
C ARG B 218 -6.50 -24.84 -5.16
N TRP B 219 -7.42 -24.82 -4.19
CA TRP B 219 -7.94 -23.57 -3.67
C TRP B 219 -7.03 -23.03 -2.57
N TYR B 220 -6.73 -21.73 -2.63
CA TYR B 220 -5.88 -21.10 -1.62
C TYR B 220 -6.65 -19.95 -0.97
N GLN B 221 -6.44 -19.78 0.34
CA GLN B 221 -7.08 -18.69 1.03
C GLN B 221 -6.14 -17.49 1.01
N MET B 222 -6.52 -16.47 0.25
CA MET B 222 -5.67 -15.28 0.18
C MET B 222 -6.16 -14.24 1.17
N GLY B 223 -7.45 -14.25 1.51
CA GLY B 223 -8.00 -13.15 2.30
C GLY B 223 -8.91 -13.61 3.46
N ILE B 224 -9.07 -12.72 4.46
CA ILE B 224 -10.05 -12.87 5.51
C ILE B 224 -10.97 -11.66 5.46
N VAL B 225 -12.29 -11.90 5.42
CA VAL B 225 -13.25 -10.81 5.45
C VAL B 225 -13.01 -9.99 6.72
N SER B 226 -12.74 -8.69 6.55
CA SER B 226 -12.30 -7.81 7.62
C SER B 226 -13.29 -6.67 7.79
N TRP B 227 -13.25 -5.65 6.91
CA TRP B 227 -14.07 -4.49 7.23
C TRP B 227 -14.56 -3.85 5.95
N GLY B 228 -15.52 -2.93 6.12
CA GLY B 228 -16.04 -2.17 4.99
C GLY B 228 -17.00 -1.10 5.47
N GLU B 229 -17.36 -0.17 4.57
CA GLU B 229 -18.34 0.86 4.88
C GLU B 229 -19.68 0.40 4.35
N GLY B 230 -20.49 -0.19 5.23
CA GLY B 230 -21.70 -0.82 4.77
C GLY B 230 -21.35 -1.94 3.79
N CYS B 231 -22.27 -2.22 2.87
CA CYS B 231 -22.16 -3.40 2.01
C CYS B 231 -22.64 -2.96 0.63
N ASP B 232 -21.84 -3.26 -0.40
CA ASP B 232 -22.24 -3.07 -1.78
C ASP B 232 -22.56 -1.61 -2.10
N ARG B 233 -21.92 -0.65 -1.46
CA ARG B 233 -22.14 0.72 -1.89
C ARG B 233 -21.20 1.02 -3.07
N ASP B 234 -21.70 1.80 -4.03
CA ASP B 234 -20.95 2.28 -5.17
C ASP B 234 -19.67 2.99 -4.69
N GLY B 235 -18.52 2.61 -5.24
CA GLY B 235 -17.29 3.33 -4.93
C GLY B 235 -16.70 2.91 -3.60
N LYS B 236 -17.33 1.93 -2.91
CA LYS B 236 -16.73 1.33 -1.73
C LYS B 236 -16.29 -0.09 -2.03
N TYR B 237 -15.40 -0.62 -1.19
CA TYR B 237 -14.82 -1.92 -1.43
C TYR B 237 -14.75 -2.65 -0.11
N GLY B 238 -14.87 -3.98 -0.16
CA GLY B 238 -14.55 -4.78 1.00
C GLY B 238 -13.04 -4.87 1.19
N PHE B 239 -12.60 -4.78 2.45
CA PHE B 239 -11.19 -4.98 2.77
C PHE B 239 -10.99 -6.37 3.37
N TYR B 240 -9.86 -6.96 3.04
CA TYR B 240 -9.56 -8.34 3.41
C TYR B 240 -8.16 -8.40 4.03
N THR B 241 -8.01 -9.19 5.10
CA THR B 241 -6.70 -9.40 5.67
C THR B 241 -5.86 -10.18 4.66
N HIS B 242 -4.65 -9.65 4.39
CA HIS B 242 -3.71 -10.22 3.45
C HIS B 242 -3.09 -11.47 4.06
N VAL B 243 -3.64 -12.64 3.77
CA VAL B 243 -3.17 -13.82 4.47
C VAL B 243 -1.67 -14.06 4.27
N PHE B 244 -1.21 -14.01 3.01
CA PHE B 244 0.18 -14.35 2.74
C PHE B 244 1.15 -13.52 3.59
N ARG B 245 0.86 -12.23 3.75
CA ARG B 245 1.79 -11.33 4.43
C ARG B 245 1.89 -11.71 5.89
N LEU B 246 0.89 -12.45 6.41
CA LEU B 246 0.91 -12.77 7.82
C LEU B 246 1.19 -14.26 8.02
N LYS B 247 1.69 -14.94 6.98
CA LYS B 247 1.90 -16.39 7.11
C LYS B 247 2.95 -16.75 8.17
N LYS B 248 3.95 -15.90 8.38
CA LYS B 248 5.00 -16.23 9.34
C LYS B 248 4.43 -16.29 10.75
N TRP B 249 3.58 -15.31 11.08
CA TRP B 249 2.85 -15.32 12.33
C TRP B 249 1.97 -16.58 12.42
N ILE B 250 1.31 -16.94 11.31
CA ILE B 250 0.46 -18.11 11.35
C ILE B 250 1.26 -19.36 11.70
N GLN B 251 2.45 -19.47 11.06
CA GLN B 251 3.24 -20.70 11.13
C GLN B 251 3.91 -20.76 12.48
N LYS B 252 4.42 -19.63 12.97
CA LYS B 252 5.11 -19.64 14.25
C LYS B 252 4.17 -20.19 15.34
N VAL B 253 2.89 -19.80 15.29
CA VAL B 253 1.87 -20.12 16.28
C VAL B 253 1.50 -21.59 16.15
N ILE B 254 1.39 -22.08 14.91
CA ILE B 254 1.01 -23.46 14.69
C ILE B 254 2.14 -24.38 15.18
N ASP B 255 3.37 -23.86 15.18
CA ASP B 255 4.57 -24.59 15.56
C ASP B 255 4.68 -24.67 17.08
N GLN B 256 4.59 -23.51 17.73
CA GLN B 256 4.88 -23.37 19.14
C GLN B 256 3.78 -24.02 19.98
N PHE B 257 2.60 -24.26 19.38
CA PHE B 257 1.45 -24.71 20.15
C PHE B 257 0.70 -25.85 19.46
N GLY B 258 1.35 -26.54 18.50
CA GLY B 258 0.72 -27.66 17.80
C GLY B 258 1.70 -28.74 17.38
N PHE C 2 30.23 4.76 -9.81
CA PHE C 2 29.61 5.93 -10.50
C PHE C 2 29.79 5.71 -11.99
N GLY C 3 28.76 6.03 -12.78
CA GLY C 3 28.89 5.96 -14.22
C GLY C 3 29.02 7.35 -14.86
N SER C 4 28.34 7.55 -15.99
CA SER C 4 28.38 8.77 -16.78
C SER C 4 27.47 9.84 -16.16
N GLY C 5 27.77 11.10 -16.49
CA GLY C 5 26.78 12.15 -16.37
C GLY C 5 27.17 13.25 -15.38
N GLU C 6 28.25 13.03 -14.61
CA GLU C 6 28.69 13.99 -13.61
C GLU C 6 29.12 15.29 -14.28
N ALA C 7 30.02 15.19 -15.27
CA ALA C 7 30.49 16.32 -16.05
C ALA C 7 29.30 17.16 -16.59
N ASP C 8 28.25 16.48 -17.07
CA ASP C 8 27.16 17.12 -17.77
C ASP C 8 25.94 17.40 -16.85
N CYS C 9 26.10 17.26 -15.52
CA CYS C 9 24.93 17.22 -14.65
C CYS C 9 24.21 18.56 -14.66
N GLY C 10 22.88 18.52 -14.47
CA GLY C 10 22.14 19.73 -14.11
C GLY C 10 21.75 20.59 -15.30
N LEU C 11 22.16 20.19 -16.50
CA LEU C 11 21.80 20.97 -17.67
C LEU C 11 20.78 20.20 -18.50
N ARG C 12 19.60 20.80 -18.73
CA ARG C 12 18.46 20.05 -19.20
C ARG C 12 18.42 20.06 -20.72
N PRO C 13 18.45 18.87 -21.39
CA PRO C 13 18.39 18.79 -22.86
C PRO C 13 17.34 19.70 -23.49
N LEU C 14 16.24 19.95 -22.80
CA LEU C 14 15.19 20.71 -23.45
C LEU C 14 15.15 22.13 -22.91
N PHE C 15 16.14 22.49 -22.07
CA PHE C 15 16.07 23.85 -21.56
C PHE C 15 17.42 24.52 -21.72
N GLU C 16 18.32 24.31 -20.76
CA GLU C 16 19.59 25.01 -20.76
C GLU C 16 20.31 24.74 -22.07
N LYS C 17 20.31 23.47 -22.52
CA LYS C 17 21.09 23.06 -23.66
C LYS C 17 20.52 23.60 -24.97
N LYS C 18 19.36 24.28 -24.92
CA LYS C 18 18.74 24.86 -26.10
C LYS C 18 18.42 26.32 -25.82
N SER C 19 19.02 26.85 -24.75
CA SER C 19 18.86 28.24 -24.35
C SER C 19 17.39 28.61 -24.20
N LEU C 20 16.57 27.65 -23.73
CA LEU C 20 15.20 27.95 -23.33
C LEU C 20 15.09 27.87 -21.80
N GLU C 21 14.17 28.66 -21.27
CA GLU C 21 13.91 28.73 -19.84
C GLU C 21 12.49 28.24 -19.59
N ASP C 22 12.31 27.54 -18.47
CA ASP C 22 11.00 27.00 -18.16
C ASP C 22 10.15 28.13 -17.61
N LYS C 23 8.87 27.85 -17.34
CA LYS C 23 7.90 28.86 -16.99
C LYS C 23 8.08 29.46 -15.60
N THR C 24 8.82 28.81 -14.70
CA THR C 24 8.85 29.38 -13.34
C THR C 24 10.28 29.57 -12.83
N GLU C 25 11.30 29.23 -13.60
CA GLU C 25 12.67 29.31 -13.10
C GLU C 25 13.02 30.74 -12.65
N ARG C 26 12.38 31.73 -13.29
N ARG C 26 12.38 31.72 -13.31
CA ARG C 26 12.65 33.14 -13.04
CA ARG C 26 12.64 33.14 -13.06
C ARG C 26 12.31 33.47 -11.59
C ARG C 26 12.29 33.49 -11.61
N GLU C 27 11.22 32.87 -11.08
CA GLU C 27 10.83 33.05 -9.68
C GLU C 27 11.97 32.67 -8.74
N LEU C 28 12.79 31.68 -9.11
CA LEU C 28 13.83 31.25 -8.18
C LEU C 28 14.96 32.29 -8.20
N LEU C 29 15.33 32.72 -9.43
CA LEU C 29 16.38 33.72 -9.64
C LEU C 29 15.96 35.00 -8.93
N GLU C 30 14.66 35.29 -8.92
CA GLU C 30 14.14 36.45 -8.21
C GLU C 30 14.34 36.32 -6.69
N SER C 31 14.12 35.12 -6.14
CA SER C 31 14.26 34.99 -4.70
C SER C 31 15.72 35.20 -4.28
N TYR C 32 16.70 34.87 -5.15
CA TYR C 32 18.11 35.07 -4.78
C TYR C 32 18.46 36.57 -4.68
N ILE C 33 17.80 37.40 -5.49
CA ILE C 33 18.20 38.79 -5.64
C ILE C 33 17.31 39.72 -4.82
N ASP C 34 15.99 39.51 -4.89
CA ASP C 34 15.02 40.45 -4.34
C ASP C 34 14.94 40.30 -2.83
N GLY C 35 14.79 41.46 -2.17
CA GLY C 35 14.54 41.56 -0.75
C GLY C 35 13.14 42.07 -0.46
N ILE D 1 1.99 17.10 -4.57
CA ILE D 1 2.29 18.56 -4.47
C ILE D 1 0.97 19.32 -4.31
N VAL D 2 0.90 20.16 -3.26
CA VAL D 2 -0.23 21.04 -3.01
C VAL D 2 0.07 22.42 -3.61
N GLU D 3 -0.87 22.90 -4.44
CA GLU D 3 -0.84 24.27 -4.95
C GLU D 3 0.31 24.42 -5.94
N GLY D 4 0.65 23.34 -6.63
CA GLY D 4 1.62 23.46 -7.71
C GLY D 4 0.93 23.54 -9.08
N SER D 5 1.66 23.14 -10.12
CA SER D 5 1.24 23.22 -11.52
C SER D 5 1.85 22.06 -12.26
N ASP D 6 1.40 21.88 -13.51
CA ASP D 6 1.94 20.86 -14.39
C ASP D 6 3.38 21.20 -14.80
N ALA D 7 4.25 20.20 -14.69
CA ALA D 7 5.57 20.21 -15.27
C ALA D 7 5.49 20.30 -16.80
N GLU D 8 6.45 21.03 -17.38
CA GLU D 8 6.64 21.04 -18.81
C GLU D 8 7.41 19.76 -19.16
N ILE D 9 7.28 19.30 -20.41
CA ILE D 9 8.05 18.14 -20.83
C ILE D 9 9.54 18.42 -20.58
N GLY D 10 10.19 17.50 -19.86
CA GLY D 10 11.64 17.53 -19.69
C GLY D 10 12.09 18.60 -18.70
N MET D 11 11.14 19.17 -17.95
CA MET D 11 11.44 20.25 -17.01
C MET D 11 12.21 19.72 -15.79
N SER D 12 12.09 18.41 -15.55
CA SER D 12 12.69 17.76 -14.40
C SER D 12 13.15 16.36 -14.81
N PRO D 13 14.15 16.25 -15.68
CA PRO D 13 14.46 14.96 -16.31
C PRO D 13 15.25 14.03 -15.42
N TRP D 14 15.60 14.48 -14.20
CA TRP D 14 16.23 13.64 -13.18
C TRP D 14 15.15 12.97 -12.33
N GLN D 15 13.87 13.37 -12.52
CA GLN D 15 12.75 12.78 -11.80
C GLN D 15 12.73 11.28 -11.97
N VAL D 16 12.58 10.57 -10.83
CA VAL D 16 12.44 9.13 -10.83
C VAL D 16 11.20 8.76 -10.04
N MET D 17 10.47 7.77 -10.55
CA MET D 17 9.31 7.23 -9.88
C MET D 17 9.74 5.90 -9.24
N LEU D 18 9.66 5.78 -7.93
CA LEU D 18 9.94 4.49 -7.31
C LEU D 18 8.62 3.71 -7.23
N PHE D 19 8.66 2.44 -7.71
CA PHE D 19 7.45 1.65 -7.95
C PHE D 19 7.60 0.27 -7.31
N ARG D 20 6.51 -0.17 -6.67
CA ARG D 20 6.38 -1.55 -6.21
C ARG D 20 6.06 -2.41 -7.42
N LYS D 21 6.71 -3.58 -7.55
CA LYS D 21 6.45 -4.52 -8.64
C LYS D 21 5.02 -5.09 -8.55
N SER D 22 4.81 -6.01 -7.60
CA SER D 22 3.48 -6.58 -7.40
C SER D 22 3.08 -6.53 -5.92
N PRO D 23 1.99 -5.84 -5.57
CA PRO D 23 1.12 -5.16 -6.55
C PRO D 23 1.75 -3.89 -7.15
N GLN D 24 1.27 -3.46 -8.32
CA GLN D 24 1.85 -2.30 -8.98
C GLN D 24 1.25 -1.03 -8.40
N GLU D 25 2.16 -0.15 -7.94
CA GLU D 25 1.82 0.98 -7.10
C GLU D 25 2.98 1.98 -7.02
N LEU D 26 2.69 3.25 -7.22
CA LEU D 26 3.67 4.28 -6.94
C LEU D 26 3.99 4.29 -5.45
N LEU D 27 5.28 4.21 -5.09
CA LEU D 27 5.64 4.27 -3.68
C LEU D 27 6.21 5.62 -3.25
N CYS D 28 6.95 6.32 -4.12
CA CYS D 28 7.76 7.45 -3.71
C CYS D 28 8.34 8.15 -4.93
N GLY D 29 8.93 9.33 -4.71
CA GLY D 29 9.77 10.00 -5.67
C GLY D 29 11.24 9.66 -5.48
N ALA D 30 12.07 10.19 -6.38
CA ALA D 30 13.48 9.95 -6.29
C ALA D 30 14.12 10.73 -7.41
N SER D 31 15.45 10.67 -7.50
CA SER D 31 16.15 11.52 -8.46
C SER D 31 17.33 10.74 -9.03
N LEU D 32 17.66 11.06 -10.28
CA LEU D 32 18.78 10.43 -10.98
C LEU D 32 20.03 11.31 -10.79
N ILE D 33 21.12 10.73 -10.27
CA ILE D 33 22.32 11.53 -10.06
C ILE D 33 23.44 11.12 -11.02
N SER D 34 23.24 10.00 -11.74
CA SER D 34 24.16 9.45 -12.72
C SER D 34 23.45 8.33 -13.50
N ASP D 35 24.15 7.75 -14.48
CA ASP D 35 23.55 6.76 -15.37
C ASP D 35 23.13 5.53 -14.56
N ARG D 36 23.68 5.36 -13.35
CA ARG D 36 23.36 4.16 -12.60
C ARG D 36 23.01 4.38 -11.12
N TRP D 37 22.93 5.64 -10.65
CA TRP D 37 22.62 5.86 -9.24
C TRP D 37 21.39 6.74 -9.08
N VAL D 38 20.54 6.33 -8.13
CA VAL D 38 19.30 7.02 -7.81
C VAL D 38 19.30 7.35 -6.32
N LEU D 39 18.78 8.54 -6.02
CA LEU D 39 18.72 9.01 -4.65
C LEU D 39 17.25 9.10 -4.24
N THR D 40 16.97 8.66 -3.00
CA THR D 40 15.62 8.79 -2.47
C THR D 40 15.72 8.94 -0.95
N ALA D 41 14.57 8.86 -0.28
CA ALA D 41 14.50 8.97 1.17
C ALA D 41 14.62 7.56 1.76
N ALA D 42 15.36 7.43 2.87
CA ALA D 42 15.40 6.15 3.54
C ALA D 42 13.97 5.68 3.88
N HIS D 43 13.07 6.62 4.23
CA HIS D 43 11.79 6.17 4.76
C HIS D 43 10.97 5.49 3.66
N CYS D 44 11.38 5.69 2.39
CA CYS D 44 10.70 5.09 1.26
C CYS D 44 10.98 3.58 1.23
N LEU D 45 12.13 3.14 1.75
CA LEU D 45 12.51 1.75 1.69
C LEU D 45 12.36 1.09 3.06
N LEU D 46 12.65 1.84 4.13
CA LEU D 46 12.55 1.31 5.46
C LEU D 46 11.72 2.24 6.34
N TYR D 47 10.52 1.79 6.74
CA TYR D 47 9.73 2.56 7.70
C TYR D 47 8.89 1.60 8.54
N PRO D 48 9.47 1.07 9.63
CA PRO D 48 8.82 0.04 10.46
C PRO D 48 7.42 0.39 10.99
N PRO D 49 7.15 1.64 11.43
CA PRO D 49 5.85 1.96 12.02
C PRO D 49 4.72 1.69 11.03
N TRP D 50 5.05 1.53 9.74
CA TRP D 50 4.05 1.31 8.70
C TRP D 50 4.34 0.01 7.95
N ASP D 51 5.23 -0.82 8.48
CA ASP D 51 5.53 -2.10 7.84
C ASP D 51 6.21 -1.95 6.49
N LYS D 52 7.09 -0.93 6.36
CA LYS D 52 7.82 -0.73 5.11
C LYS D 52 9.22 -1.30 5.29
N ASN D 53 9.53 -2.31 4.49
CA ASN D 53 10.83 -2.94 4.53
C ASN D 53 11.13 -3.55 3.16
N PHE D 54 11.23 -2.69 2.14
CA PHE D 54 11.44 -3.12 0.77
C PHE D 54 12.91 -3.44 0.54
N THR D 55 13.17 -4.49 -0.25
CA THR D 55 14.52 -4.89 -0.65
C THR D 55 14.60 -4.72 -2.16
N GLU D 56 15.78 -5.01 -2.74
CA GLU D 56 16.06 -4.73 -4.14
C GLU D 56 14.98 -5.37 -5.02
N ASN D 57 14.50 -6.55 -4.62
CA ASN D 57 13.70 -7.32 -5.55
C ASN D 57 12.23 -6.92 -5.52
N ASP D 58 11.85 -6.02 -4.60
CA ASP D 58 10.47 -5.57 -4.51
C ASP D 58 10.15 -4.44 -5.49
N LEU D 59 11.19 -3.77 -6.01
CA LEU D 59 10.94 -2.48 -6.63
C LEU D 59 11.52 -2.42 -8.03
N LEU D 60 10.94 -1.53 -8.83
CA LEU D 60 11.62 -1.03 -10.00
C LEU D 60 11.56 0.50 -9.98
N VAL D 61 12.40 1.14 -10.80
CA VAL D 61 12.34 2.59 -10.96
C VAL D 61 11.90 2.90 -12.38
N ARG D 62 11.22 4.03 -12.55
CA ARG D 62 10.73 4.47 -13.83
C ARG D 62 11.22 5.90 -14.06
N ILE D 63 12.05 6.05 -15.08
CA ILE D 63 12.76 7.30 -15.33
C ILE D 63 12.22 7.85 -16.64
N GLY D 64 12.13 9.18 -16.75
CA GLY D 64 11.72 9.81 -17.98
C GLY D 64 10.21 10.11 -18.04
N LYS D 65 9.48 9.86 -16.94
CA LYS D 65 8.02 9.96 -17.04
C LYS D 65 7.51 11.40 -16.92
N HIS D 66 6.26 11.58 -17.32
CA HIS D 66 5.55 12.84 -17.15
C HIS D 66 4.13 12.52 -16.66
N SER D 67 3.45 11.59 -17.36
CA SER D 67 2.11 11.15 -16.99
C SER D 67 2.21 10.27 -15.76
N ARG D 68 1.26 10.47 -14.82
CA ARG D 68 1.27 9.69 -13.59
C ARG D 68 1.00 8.21 -13.85
N THR D 69 0.13 7.91 -14.84
CA THR D 69 -0.51 6.60 -15.02
C THR D 69 -0.17 5.93 -16.34
N ARG D 70 -0.11 6.70 -17.45
CA ARG D 70 0.00 6.10 -18.77
C ARG D 70 1.44 5.67 -19.05
N TYR D 71 1.60 4.53 -19.74
CA TYR D 71 2.91 4.07 -20.15
C TYR D 71 3.35 4.96 -21.30
N GLU D 72 4.60 5.40 -21.25
CA GLU D 72 5.06 6.37 -22.23
C GLU D 72 6.15 5.68 -23.06
N ARG D 73 5.75 4.99 -24.15
CA ARG D 73 6.73 4.17 -24.86
C ARG D 73 7.74 5.06 -25.57
N ASN D 74 9.00 4.60 -25.51
CA ASN D 74 10.15 5.24 -26.10
C ASN D 74 10.48 6.57 -25.41
N ILE D 75 9.74 6.91 -24.35
CA ILE D 75 10.03 8.06 -23.52
C ILE D 75 10.59 7.56 -22.20
N GLU D 76 9.76 6.88 -21.41
CA GLU D 76 10.16 6.38 -20.10
C GLU D 76 11.04 5.13 -20.23
N LYS D 77 11.85 4.90 -19.21
CA LYS D 77 12.68 3.70 -19.14
C LYS D 77 12.48 3.10 -17.75
N ILE D 78 12.43 1.78 -17.70
CA ILE D 78 12.23 1.20 -16.40
C ILE D 78 13.44 0.34 -16.12
N SER D 79 13.86 0.25 -14.85
CA SER D 79 15.06 -0.49 -14.49
C SER D 79 14.89 -1.21 -13.17
N MET D 80 15.53 -2.37 -13.08
CA MET D 80 15.68 -3.11 -11.84
C MET D 80 16.80 -2.45 -11.04
N LEU D 81 16.91 -2.88 -9.78
CA LEU D 81 17.90 -2.37 -8.84
C LEU D 81 18.86 -3.51 -8.52
N GLU D 82 20.15 -3.18 -8.40
CA GLU D 82 21.14 -4.15 -8.01
C GLU D 82 21.23 -4.17 -6.48
N LYS D 83 21.25 -2.97 -5.86
CA LYS D 83 21.56 -2.81 -4.44
C LYS D 83 20.89 -1.56 -3.86
N ILE D 84 20.56 -1.64 -2.58
CA ILE D 84 19.96 -0.58 -1.79
C ILE D 84 20.99 -0.22 -0.72
N TYR D 85 21.28 1.07 -0.57
CA TYR D 85 22.04 1.51 0.57
C TYR D 85 21.22 2.53 1.36
N ILE D 86 20.88 2.18 2.60
CA ILE D 86 20.21 3.08 3.53
C ILE D 86 21.27 3.63 4.47
N HIS D 87 21.25 4.95 4.76
CA HIS D 87 22.23 5.48 5.69
C HIS D 87 22.20 4.66 6.99
N PRO D 88 23.37 4.16 7.47
CA PRO D 88 23.41 3.35 8.70
C PRO D 88 22.96 4.06 9.98
N ARG D 89 22.88 5.41 9.94
CA ARG D 89 22.47 6.16 11.11
C ARG D 89 21.10 6.80 10.92
N TYR D 90 20.38 6.41 9.86
CA TYR D 90 18.99 6.80 9.67
C TYR D 90 18.18 6.52 10.94
N ASN D 91 17.44 7.52 11.42
CA ASN D 91 16.65 7.36 12.63
C ASN D 91 15.16 7.43 12.30
N TRP D 92 14.52 6.27 12.20
CA TRP D 92 13.10 6.20 11.88
C TRP D 92 12.22 6.40 13.12
N ARG D 93 12.75 6.18 14.33
CA ARG D 93 11.97 6.17 15.57
C ARG D 93 11.58 7.58 16.01
N GLU D 94 12.54 8.53 15.96
CA GLU D 94 12.36 9.81 16.60
C GLU D 94 12.12 10.95 15.60
N ASN D 95 13.01 11.12 14.60
CA ASN D 95 13.00 12.39 13.89
C ASN D 95 13.38 12.29 12.42
N LEU D 96 13.49 11.07 11.87
CA LEU D 96 13.90 10.86 10.49
C LEU D 96 15.21 11.59 10.20
N ASP D 97 16.08 11.68 11.20
CA ASP D 97 17.43 12.15 10.93
C ASP D 97 18.10 11.24 9.91
N ARG D 98 18.86 11.84 8.99
CA ARG D 98 19.61 11.13 7.97
C ARG D 98 18.67 10.30 7.10
N ASP D 99 17.64 10.97 6.57
CA ASP D 99 16.62 10.25 5.84
C ASP D 99 17.02 10.20 4.37
N ILE D 100 17.93 9.28 4.03
CA ILE D 100 18.52 9.25 2.70
C ILE D 100 18.85 7.80 2.31
N ALA D 101 18.77 7.51 1.02
CA ALA D 101 19.12 6.16 0.58
C ALA D 101 19.66 6.25 -0.85
N LEU D 102 20.59 5.36 -1.18
CA LEU D 102 21.02 5.22 -2.56
C LEU D 102 20.52 3.91 -3.17
N MET D 103 20.28 3.93 -4.48
CA MET D 103 19.86 2.76 -5.26
C MET D 103 20.71 2.62 -6.53
N LYS D 104 21.47 1.50 -6.60
CA LYS D 104 22.30 1.24 -7.77
C LYS D 104 21.42 0.49 -8.77
N LEU D 105 21.27 1.04 -9.99
CA LEU D 105 20.52 0.44 -11.08
C LEU D 105 21.22 -0.82 -11.58
N LYS D 106 20.46 -1.82 -12.06
CA LYS D 106 21.05 -3.11 -12.42
C LYS D 106 21.85 -2.94 -13.71
N LYS D 107 21.29 -2.18 -14.66
CA LYS D 107 22.05 -1.79 -15.84
C LYS D 107 21.94 -0.28 -16.03
N PRO D 108 23.07 0.41 -16.37
CA PRO D 108 23.03 1.82 -16.73
C PRO D 108 21.88 2.20 -17.65
N VAL D 109 21.40 3.41 -17.44
CA VAL D 109 20.27 3.91 -18.20
C VAL D 109 20.90 4.89 -19.18
N ALA D 110 20.28 5.03 -20.34
CA ALA D 110 20.80 5.93 -21.36
C ALA D 110 20.08 7.26 -21.23
N PHE D 111 20.84 8.36 -21.39
CA PHE D 111 20.25 9.69 -21.29
C PHE D 111 19.51 10.03 -22.58
N SER D 112 18.72 11.09 -22.51
CA SER D 112 17.81 11.46 -23.57
C SER D 112 17.34 12.87 -23.23
N ASP D 113 16.37 13.38 -24.00
CA ASP D 113 15.76 14.67 -23.71
C ASP D 113 14.96 14.63 -22.41
N TYR D 114 14.67 13.42 -21.92
CA TYR D 114 13.69 13.26 -20.85
C TYR D 114 14.34 12.63 -19.63
N ILE D 115 15.58 12.15 -19.80
CA ILE D 115 16.32 11.50 -18.74
C ILE D 115 17.72 12.11 -18.70
N HIS D 116 18.04 12.78 -17.58
CA HIS D 116 19.31 13.48 -17.42
C HIS D 116 19.55 13.73 -15.93
N PRO D 117 20.79 13.51 -15.40
CA PRO D 117 21.06 13.55 -13.96
C PRO D 117 21.18 14.98 -13.44
N VAL D 118 20.85 15.19 -12.15
CA VAL D 118 20.98 16.48 -11.48
C VAL D 118 22.37 16.51 -10.84
N CYS D 119 22.84 17.70 -10.45
CA CYS D 119 24.12 17.82 -9.75
C CYS D 119 23.91 17.73 -8.24
N LEU D 120 24.87 17.09 -7.57
CA LEU D 120 24.98 17.18 -6.13
C LEU D 120 25.78 18.43 -5.81
N PRO D 121 25.41 19.20 -4.77
CA PRO D 121 26.09 20.48 -4.53
C PRO D 121 27.48 20.24 -3.94
N ASP D 122 28.41 21.15 -4.26
CA ASP D 122 29.66 21.33 -3.54
C ASP D 122 29.44 22.34 -2.42
N ARG D 123 30.47 22.48 -1.55
CA ARG D 123 30.38 23.27 -0.34
C ARG D 123 29.92 24.70 -0.65
N GLU D 124 30.45 25.27 -1.74
CA GLU D 124 30.26 26.68 -2.02
C GLU D 124 28.86 26.91 -2.53
N THR D 125 28.35 25.95 -3.30
CA THR D 125 27.01 26.07 -3.86
C THR D 125 26.04 25.97 -2.70
N ALA D 126 26.34 25.08 -1.75
CA ALA D 126 25.53 24.92 -0.56
C ALA D 126 25.47 26.21 0.23
N ALA D 127 26.66 26.81 0.51
CA ALA D 127 26.77 28.03 1.30
C ALA D 127 26.10 29.19 0.58
N SER D 128 26.26 29.26 -0.75
CA SER D 128 25.61 30.32 -1.51
C SER D 128 24.08 30.20 -1.53
N LEU D 129 23.54 29.00 -1.75
CA LEU D 129 22.12 28.90 -2.09
C LEU D 129 21.24 28.52 -0.91
N LEU D 130 21.75 27.84 0.11
CA LEU D 130 20.87 27.42 1.20
CA LEU D 130 20.90 27.40 1.22
C LEU D 130 20.76 28.56 2.20
N GLN D 131 19.87 29.51 1.89
CA GLN D 131 19.73 30.68 2.74
C GLN D 131 18.24 30.97 2.86
N ALA D 132 17.82 31.37 4.05
CA ALA D 132 16.42 31.66 4.32
C ALA D 132 15.91 32.62 3.24
N GLY D 133 14.73 32.33 2.70
CA GLY D 133 14.11 33.24 1.73
C GLY D 133 14.42 32.82 0.30
N TYR D 134 15.55 32.13 0.07
CA TYR D 134 15.85 31.63 -1.27
C TYR D 134 14.94 30.45 -1.60
N LYS D 135 14.48 30.33 -2.86
CA LYS D 135 13.45 29.35 -3.15
C LYS D 135 14.05 28.18 -3.88
N GLY D 136 13.58 26.99 -3.48
CA GLY D 136 13.85 25.79 -4.24
C GLY D 136 12.59 25.30 -4.93
N ARG D 137 12.75 24.17 -5.62
CA ARG D 137 11.68 23.62 -6.42
C ARG D 137 11.50 22.15 -6.06
N VAL D 138 10.24 21.76 -5.82
CA VAL D 138 9.89 20.40 -5.49
C VAL D 138 8.96 19.83 -6.55
N THR D 139 9.18 18.57 -6.92
CA THR D 139 8.40 17.92 -7.96
C THR D 139 7.99 16.55 -7.48
N GLY D 140 6.80 16.10 -7.92
CA GLY D 140 6.33 14.77 -7.58
C GLY D 140 4.94 14.46 -8.11
N TRP D 141 4.54 13.19 -7.96
CA TRP D 141 3.22 12.72 -8.35
C TRP D 141 2.32 12.47 -7.13
N GLY D 142 2.68 13.02 -5.96
CA GLY D 142 1.95 12.77 -4.74
C GLY D 142 0.61 13.52 -4.70
N ASN D 143 -0.06 13.44 -3.56
CA ASN D 143 -1.42 13.95 -3.46
C ASN D 143 -1.43 15.46 -3.62
N LEU D 144 -2.61 16.00 -3.95
CA LEU D 144 -2.77 17.41 -4.24
C LEU D 144 -3.25 18.15 -3.00
N LYS D 145 -3.77 17.41 -2.02
CA LYS D 145 -4.25 17.99 -0.80
C LYS D 145 -4.13 16.94 0.30
N GLU D 146 -4.21 17.39 1.56
CA GLU D 146 -4.03 16.56 2.74
C GLU D 146 -5.26 15.68 3.01
N THR D 147 -6.46 16.29 3.08
CA THR D 147 -7.65 15.66 3.65
C THR D 147 -8.50 15.01 2.55
N TRP D 148 -9.11 13.87 2.92
CA TRP D 148 -9.93 13.05 2.05
C TRP D 148 -11.31 13.69 1.81
N THR D 149 -11.69 13.84 0.53
CA THR D 149 -13.01 14.28 0.09
C THR D 149 -13.73 13.09 -0.56
N ALA D 150 -15.08 13.09 -0.48
CA ALA D 150 -15.92 12.00 -0.96
C ALA D 150 -15.54 11.56 -2.37
N ASN D 151 -15.80 12.41 -3.37
CA ASN D 151 -15.58 12.01 -4.75
C ASN D 151 -14.09 12.15 -5.11
N VAL D 152 -13.47 13.25 -4.67
CA VAL D 152 -12.19 13.68 -5.20
C VAL D 152 -11.02 12.95 -4.52
N GLY D 153 -11.30 12.10 -3.52
CA GLY D 153 -10.27 11.47 -2.71
C GLY D 153 -9.38 12.53 -2.04
N LYS D 154 -8.05 12.33 -2.12
CA LYS D 154 -7.10 13.34 -1.66
C LYS D 154 -6.49 14.07 -2.86
N GLY D 155 -7.10 13.88 -4.05
CA GLY D 155 -6.65 14.40 -5.33
C GLY D 155 -5.32 13.78 -5.78
N GLN D 156 -5.38 12.99 -6.85
CA GLN D 156 -4.18 12.64 -7.60
C GLN D 156 -4.07 13.44 -8.88
N PRO D 157 -2.83 13.79 -9.30
CA PRO D 157 -2.59 14.54 -10.54
C PRO D 157 -2.41 13.64 -11.76
N SER D 158 -2.79 14.14 -12.95
CA SER D 158 -2.51 13.34 -14.15
C SER D 158 -1.03 13.35 -14.52
N VAL D 159 -0.36 14.49 -14.31
CA VAL D 159 1.05 14.57 -14.70
C VAL D 159 1.87 15.15 -13.56
N LEU D 160 3.19 15.02 -13.66
CA LEU D 160 4.14 15.55 -12.69
C LEU D 160 3.78 16.98 -12.30
N GLN D 161 3.81 17.24 -10.99
CA GLN D 161 3.55 18.57 -10.43
C GLN D 161 4.87 19.20 -9.94
N VAL D 162 4.86 20.56 -9.88
CA VAL D 162 5.99 21.44 -9.61
C VAL D 162 5.48 22.55 -8.72
N VAL D 163 6.28 22.93 -7.72
CA VAL D 163 5.98 24.04 -6.83
C VAL D 163 7.31 24.58 -6.32
N ASN D 164 7.44 25.92 -6.32
CA ASN D 164 8.65 26.57 -5.86
C ASN D 164 8.35 27.06 -4.45
N LEU D 165 9.27 26.84 -3.51
CA LEU D 165 9.03 27.10 -2.10
C LEU D 165 10.29 27.72 -1.46
N PRO D 166 10.14 28.70 -0.55
CA PRO D 166 11.33 29.32 0.04
C PRO D 166 11.87 28.56 1.24
N ILE D 167 13.20 28.47 1.32
CA ILE D 167 13.86 28.01 2.53
CA ILE D 167 13.90 28.04 2.52
C ILE D 167 13.45 28.90 3.71
N VAL D 168 13.32 28.26 4.89
CA VAL D 168 12.85 28.90 6.10
C VAL D 168 13.93 28.87 7.17
N GLU D 169 13.92 29.93 8.00
CA GLU D 169 14.86 30.16 9.09
C GLU D 169 14.81 28.96 10.02
N ARG D 170 16.00 28.44 10.38
CA ARG D 170 16.13 27.37 11.36
C ARG D 170 15.22 27.55 12.59
N PRO D 171 15.23 28.73 13.29
CA PRO D 171 14.39 28.89 14.48
C PRO D 171 12.88 28.77 14.19
N VAL D 172 12.42 29.25 13.03
CA VAL D 172 11.00 29.15 12.67
C VAL D 172 10.68 27.67 12.43
N CYS D 173 11.56 26.96 11.68
CA CYS D 173 11.46 25.51 11.50
C CYS D 173 11.31 24.84 12.87
N LYS D 174 12.17 25.24 13.82
CA LYS D 174 12.33 24.52 15.07
C LYS D 174 11.07 24.68 15.93
N ASP D 175 10.50 25.89 15.90
CA ASP D 175 9.37 26.25 16.73
C ASP D 175 8.08 25.63 16.21
N SER D 176 8.08 25.14 14.95
CA SER D 176 6.84 24.73 14.30
C SER D 176 6.45 23.29 14.64
N THR D 177 7.32 22.59 15.37
CA THR D 177 7.14 21.17 15.55
C THR D 177 7.70 20.72 16.90
N ARG D 178 7.17 19.60 17.38
CA ARG D 178 7.64 18.89 18.54
C ARG D 178 8.85 18.03 18.16
N ILE D 179 9.02 17.73 16.86
CA ILE D 179 10.05 16.79 16.47
C ILE D 179 11.42 17.38 16.81
N ARG D 180 12.34 16.56 17.29
N ARG D 180 12.35 16.57 17.30
CA ARG D 180 13.68 17.05 17.53
CA ARG D 180 13.69 17.03 17.56
C ARG D 180 14.43 17.18 16.20
C ARG D 180 14.45 17.19 16.24
N ILE D 181 14.46 18.41 15.68
CA ILE D 181 15.06 18.76 14.40
CA ILE D 181 15.06 18.61 14.37
C ILE D 181 16.58 18.70 14.51
N THR D 182 17.28 18.33 13.42
CA THR D 182 18.73 18.24 13.45
C THR D 182 19.33 18.99 12.25
N ASP D 183 20.67 19.10 12.26
CA ASP D 183 21.46 19.76 11.25
C ASP D 183 21.29 19.11 9.87
N ASN D 184 20.79 17.88 9.83
CA ASN D 184 20.78 17.10 8.60
C ASN D 184 19.48 17.30 7.85
N MET D 185 18.69 18.27 8.28
CA MET D 185 17.42 18.60 7.66
C MET D 185 17.23 20.10 7.68
N PHE D 186 16.48 20.60 6.69
CA PHE D 186 16.08 22.01 6.64
C PHE D 186 14.59 22.02 6.32
N CYS D 187 13.89 23.13 6.59
CA CYS D 187 12.46 23.13 6.24
C CYS D 187 12.20 24.24 5.23
N ALA D 188 11.09 24.10 4.47
CA ALA D 188 10.73 25.09 3.46
C ALA D 188 9.22 25.25 3.39
N GLY D 189 8.78 26.38 2.83
CA GLY D 189 7.37 26.64 2.69
C GLY D 189 7.05 28.10 3.03
N TYR D 190 5.85 28.56 2.68
CA TYR D 190 5.45 29.93 2.99
C TYR D 190 4.98 30.03 4.44
N LYS D 191 5.30 31.15 5.07
CA LYS D 191 4.81 31.46 6.39
C LYS D 191 3.33 31.83 6.30
N PRO D 192 2.56 31.74 7.40
CA PRO D 192 1.11 31.97 7.34
C PRO D 192 0.62 33.26 6.67
N ASP D 193 1.42 34.33 6.75
CA ASP D 193 0.98 35.68 6.36
C ASP D 193 1.47 36.02 4.94
N GLU D 194 2.52 35.34 4.50
CA GLU D 194 3.16 35.56 3.22
C GLU D 194 2.15 35.32 2.09
N GLY D 195 0.99 34.72 2.41
CA GLY D 195 -0.17 34.69 1.53
C GLY D 195 -0.02 33.89 0.23
N LYS D 196 1.18 33.36 -0.05
CA LYS D 196 1.29 32.27 -1.00
C LYS D 196 1.26 30.95 -0.23
N ARG D 197 0.94 29.84 -0.92
CA ARG D 197 0.85 28.51 -0.33
C ARG D 197 1.63 27.51 -1.18
N GLY D 198 1.62 26.25 -0.74
CA GLY D 198 2.40 25.23 -1.42
C GLY D 198 3.13 24.35 -0.42
N ASP D 199 3.27 23.08 -0.79
CA ASP D 199 3.98 22.09 0.00
C ASP D 199 4.08 20.82 -0.82
N ALA D 200 5.02 19.96 -0.47
CA ALA D 200 5.00 18.56 -0.87
C ALA D 200 3.82 17.88 -0.16
N CYS D 201 3.42 16.69 -0.60
CA CYS D 201 2.38 15.96 0.12
C CYS D 201 2.69 14.46 0.11
N GLU D 202 1.79 13.65 0.65
N GLU D 202 1.74 13.66 0.59
CA GLU D 202 2.02 12.21 0.68
CA GLU D 202 1.86 12.22 0.58
C GLU D 202 2.14 11.71 -0.76
C GLU D 202 2.14 11.74 -0.85
N GLY D 203 3.15 10.89 -1.01
CA GLY D 203 3.50 10.44 -2.34
C GLY D 203 4.67 11.22 -2.96
N ASP D 204 4.97 12.41 -2.43
CA ASP D 204 6.12 13.21 -2.86
C ASP D 204 7.41 12.77 -2.16
N SER D 205 7.27 12.03 -1.04
CA SER D 205 8.38 11.52 -0.24
C SER D 205 9.50 11.04 -1.15
N GLY D 206 10.73 11.47 -0.89
CA GLY D 206 11.89 10.90 -1.56
C GLY D 206 12.26 11.63 -2.86
N GLY D 207 11.37 12.47 -3.36
CA GLY D 207 11.66 13.26 -4.55
C GLY D 207 12.60 14.44 -4.26
N PRO D 208 13.11 15.14 -5.29
CA PRO D 208 14.16 16.14 -5.08
C PRO D 208 13.65 17.55 -4.83
N PHE D 209 14.44 18.28 -4.02
CA PHE D 209 14.35 19.72 -3.83
C PHE D 209 15.58 20.31 -4.52
N VAL D 210 15.33 21.03 -5.61
CA VAL D 210 16.39 21.42 -6.51
C VAL D 210 16.44 22.95 -6.59
N MET D 211 17.64 23.46 -6.85
CA MET D 211 17.87 24.90 -6.97
C MET D 211 18.75 25.14 -8.20
N LYS D 212 18.46 26.23 -8.92
CA LYS D 212 19.27 26.54 -10.09
C LYS D 212 20.40 27.50 -9.72
N SER D 213 21.67 27.08 -9.92
CA SER D 213 22.79 27.95 -9.57
C SER D 213 22.90 29.11 -10.56
N PRO D 214 22.89 30.38 -10.10
CA PRO D 214 23.09 31.53 -10.99
C PRO D 214 24.54 31.67 -11.45
N PHE D 215 25.44 30.89 -10.83
CA PHE D 215 26.86 30.94 -11.14
C PHE D 215 27.17 30.18 -12.42
N ASN D 216 26.43 29.09 -12.72
CA ASN D 216 26.79 28.21 -13.81
C ASN D 216 25.54 27.65 -14.50
N ASN D 217 24.35 28.08 -14.05
CA ASN D 217 23.12 27.68 -14.71
C ASN D 217 22.75 26.20 -14.54
N ARG D 218 23.38 25.49 -13.59
CA ARG D 218 23.10 24.07 -13.43
C ARG D 218 22.15 23.87 -12.24
N TRP D 219 21.31 22.84 -12.35
CA TRP D 219 20.42 22.51 -11.26
C TRP D 219 21.15 21.57 -10.30
N TYR D 220 21.01 21.86 -9.01
CA TYR D 220 21.59 21.07 -7.95
C TYR D 220 20.50 20.57 -7.02
N GLN D 221 20.66 19.33 -6.55
CA GLN D 221 19.76 18.81 -5.56
C GLN D 221 20.26 19.14 -4.14
N MET D 222 19.56 20.04 -3.46
CA MET D 222 19.89 20.45 -2.10
C MET D 222 19.10 19.62 -1.08
N GLY D 223 17.92 19.10 -1.44
CA GLY D 223 17.15 18.34 -0.45
C GLY D 223 16.42 17.13 -1.03
N ILE D 224 15.93 16.27 -0.12
CA ILE D 224 15.04 15.14 -0.41
C ILE D 224 13.77 15.34 0.43
N VAL D 225 12.61 15.27 -0.21
CA VAL D 225 11.35 15.34 0.49
C VAL D 225 11.32 14.28 1.59
N SER D 226 11.17 14.74 2.84
CA SER D 226 11.36 13.88 3.99
C SER D 226 10.06 13.74 4.77
N TRP D 227 9.71 14.73 5.58
CA TRP D 227 8.51 14.52 6.39
C TRP D 227 7.80 15.85 6.59
N GLY D 228 6.60 15.77 7.17
CA GLY D 228 5.87 16.97 7.55
C GLY D 228 4.62 16.61 8.33
N GLU D 229 3.89 17.64 8.73
CA GLU D 229 2.69 17.45 9.53
C GLU D 229 1.49 17.79 8.65
N GLY D 230 0.92 16.74 8.06
CA GLY D 230 -0.04 16.93 7.00
C GLY D 230 0.64 17.65 5.84
N CYS D 231 -0.13 18.49 5.13
CA CYS D 231 0.29 19.12 3.90
C CYS D 231 -0.33 20.51 3.83
N ASP D 232 0.55 21.51 3.73
CA ASP D 232 0.14 22.87 3.44
C ASP D 232 -0.67 23.46 4.59
N ARG D 233 -0.34 23.08 5.83
CA ARG D 233 -0.99 23.71 6.97
C ARG D 233 -0.23 24.98 7.34
N ASP D 234 -0.95 25.98 7.83
CA ASP D 234 -0.38 27.24 8.28
C ASP D 234 0.47 26.98 9.52
N GLY D 235 1.69 27.55 9.54
CA GLY D 235 2.59 27.39 10.67
C GLY D 235 3.33 26.06 10.66
N LYS D 236 3.14 25.26 9.58
CA LYS D 236 3.86 24.01 9.40
C LYS D 236 4.69 24.09 8.12
N TYR D 237 5.80 23.36 8.08
CA TYR D 237 6.72 23.40 6.95
C TYR D 237 7.06 21.99 6.51
N GLY D 238 7.39 21.82 5.24
CA GLY D 238 7.99 20.57 4.81
C GLY D 238 9.45 20.49 5.25
N PHE D 239 9.89 19.30 5.60
CA PHE D 239 11.24 19.04 6.02
C PHE D 239 11.95 18.25 4.92
N TYR D 240 13.23 18.54 4.73
CA TYR D 240 13.97 18.03 3.59
C TYR D 240 15.29 17.54 4.11
N THR D 241 15.75 16.38 3.62
CA THR D 241 17.06 15.88 4.01
C THR D 241 18.09 16.82 3.41
N HIS D 242 19.10 17.17 4.22
CA HIS D 242 20.09 18.14 3.80
C HIS D 242 21.17 17.39 3.02
N VAL D 243 21.11 17.51 1.68
CA VAL D 243 21.85 16.61 0.82
C VAL D 243 23.35 16.87 0.95
N PHE D 244 23.72 18.15 1.04
CA PHE D 244 25.14 18.48 1.13
C PHE D 244 25.75 17.92 2.42
N ARG D 245 25.05 18.05 3.54
CA ARG D 245 25.58 17.57 4.81
C ARG D 245 25.87 16.08 4.71
N LEU D 246 25.18 15.38 3.80
CA LEU D 246 25.31 13.93 3.74
C LEU D 246 26.11 13.50 2.51
N LYS D 247 26.76 14.47 1.84
CA LYS D 247 27.46 14.17 0.60
C LYS D 247 28.62 13.19 0.79
N LYS D 248 29.36 13.26 1.90
CA LYS D 248 30.47 12.33 2.11
C LYS D 248 30.01 10.88 2.25
N TRP D 249 28.82 10.65 2.84
CA TRP D 249 28.28 9.30 2.89
C TRP D 249 27.92 8.86 1.48
N ILE D 250 27.35 9.79 0.71
CA ILE D 250 26.98 9.51 -0.67
C ILE D 250 28.22 9.07 -1.44
N GLN D 251 29.33 9.82 -1.29
CA GLN D 251 30.58 9.58 -2.01
C GLN D 251 31.17 8.24 -1.57
N LYS D 252 31.15 7.97 -0.25
CA LYS D 252 31.67 6.74 0.29
C LYS D 252 30.94 5.54 -0.33
N VAL D 253 29.61 5.63 -0.46
CA VAL D 253 28.86 4.47 -0.94
C VAL D 253 29.25 4.22 -2.38
N ILE D 254 29.33 5.30 -3.14
CA ILE D 254 29.67 5.18 -4.55
C ILE D 254 31.13 4.75 -4.75
N ASP D 255 32.05 5.05 -3.81
CA ASP D 255 33.48 4.73 -4.00
C ASP D 255 33.80 3.28 -3.62
N GLN D 256 32.81 2.51 -3.16
CA GLN D 256 33.01 1.14 -2.68
C GLN D 256 32.34 0.11 -3.58
N PHE D 257 31.19 0.47 -4.17
CA PHE D 257 30.70 -0.33 -5.28
C PHE D 257 31.18 0.32 -6.59
C1 NAG E . -10.73 -9.63 27.74
C2 NAG E . -9.86 -8.47 28.23
C3 NAG E . -8.63 -9.06 28.93
C4 NAG E . -9.08 -9.94 30.10
C5 NAG E . -9.99 -11.09 29.62
C6 NAG E . -10.60 -11.79 30.84
C7 NAG E . -9.84 -6.21 27.04
C8 NAG E . -10.78 -5.60 28.06
N2 NAG E . -9.47 -7.51 27.18
O3 NAG E . -7.76 -8.00 29.36
O4 NAG E . -7.94 -10.47 30.80
O5 NAG E . -11.04 -10.61 28.76
O6 NAG E . -11.29 -12.97 30.40
O7 NAG E . -9.45 -5.52 26.10
C1 EDO F . -3.73 -5.14 -3.59
O1 EDO F . -3.67 -4.71 -4.97
C2 EDO F . -2.89 -6.31 -3.23
O2 EDO F . -1.98 -6.07 -2.17
C1 EDO G . -14.44 0.70 2.71
O1 EDO G . -15.60 -0.05 2.27
C2 EDO G . -13.86 1.61 1.68
O2 EDO G . -13.93 1.17 0.32
N1 MRQ H . -18.73 -4.69 3.10
C1 MRQ H . -17.75 -5.54 3.77
N2 MRQ H . -16.96 -6.44 2.98
N3 MRQ H . -17.59 -5.58 4.99
C2 MRQ H . -18.32 -4.67 5.85
O2 MRQ H . -17.28 -1.45 11.06
C3 MRQ H . -19.50 -5.33 6.53
C10 MRQ H . -14.89 -4.74 13.03
C11 MRQ H . -14.86 -3.39 12.63
C12 MRQ H . -16.26 -1.81 11.58
C13 MRQ H . -15.19 -0.73 11.74
C14 MRQ H . -14.55 1.53 11.26
C15 MRQ H . -13.17 1.01 10.89
C16 MRQ H . -12.66 0.93 9.63
C17 MRQ H . -11.35 0.32 9.70
O45 MRQ H . -12.32 0.49 11.74
C22 MRQ H . -15.74 0.32 9.52
C23 MRQ H . -15.88 1.70 8.82
C24 MRQ H . -14.84 2.22 8.06
C25 MRQ H . -14.96 3.46 7.44
C26 MRQ H . -16.10 4.21 7.58
C27 MRQ H . -17.16 3.72 8.34
C28 MRQ H . -17.03 2.46 8.96
C29 MRQ H . -18.21 1.92 9.75
C30 MRQ H . -20.92 1.11 9.48
C31 MRQ H . -20.52 -0.09 10.35
C32 MRQ H . -21.69 -0.47 11.25
C33 MRQ H . -20.39 -1.89 8.42
C4 MRQ H . -20.40 -4.21 7.08
C5 MRQ H . -19.63 -3.16 7.90
C6 MRQ H . -17.92 -3.79 9.73
C7 MRQ H . -18.03 -4.09 11.26
C8 MRQ H . -16.76 -4.21 11.97
C9 MRQ H . -16.16 -5.30 12.59
N4 MRQ H . -19.24 -3.60 9.20
N5 MRQ H . -15.97 -3.17 12.05
N6 MRQ H . -15.48 0.47 10.96
N7 MRQ H . -22.31 0.58 12.00
N8 MRQ H . -19.95 -1.25 9.68
O1 MRQ H . -16.94 -3.59 9.07
O4 MRQ H . -22.11 -1.58 11.36
O5 MRQ H . -21.32 -1.41 7.84
S1 MRQ H . -19.47 1.52 8.48
C20 MRQ H . -11.24 0.09 11.09
NA NA I . -18.86 -1.30 -3.72
C1 NAG J . 13.84 -6.02 6.79
C2 NAG J . 14.09 -6.48 8.23
C3 NAG J . 15.61 -6.68 8.36
C4 NAG J . 16.03 -7.78 7.36
C5 NAG J . 15.56 -7.53 5.91
C6 NAG J . 15.64 -8.77 5.01
C7 NAG J . 13.61 -4.54 9.86
C8 NAG J . 12.57 -4.08 10.86
N2 NAG J . 13.33 -5.71 9.24
O3 NAG J . 15.98 -6.96 9.72
O4 NAG J . 17.44 -8.01 7.38
O5 NAG J . 14.20 -7.06 5.84
O6 NAG J . 15.76 -9.95 5.81
O7 NAG J . 14.63 -3.91 9.63
C1 EDO K . 6.10 20.02 10.89
O1 EDO K . 5.62 19.83 9.56
C2 EDO K . 6.79 21.34 11.11
O2 EDO K . 6.33 22.45 10.36
N1 MRQ L . 4.00 18.07 4.07
C1 MRQ L . 5.26 17.46 3.58
N2 MRQ L . 6.16 18.33 2.87
N3 MRQ L . 5.58 16.27 3.76
C2 MRQ L . 4.64 15.47 4.51
O2 MRQ L . 4.34 10.91 8.88
C3 MRQ L . 3.58 14.78 3.69
C10 MRQ L . 7.97 8.80 7.22
C11 MRQ L . 7.38 9.34 8.35
C12 MRQ L . 5.42 10.45 9.03
C13 MRQ L . 5.97 10.48 10.44
C14 MRQ L . 6.08 11.57 12.63
C15 MRQ L . 7.58 11.79 12.50
C16 MRQ L . 8.18 12.95 12.04
C17 MRQ L . 9.60 12.74 12.04
O45 MRQ L . 8.49 10.89 12.80
C22 MRQ L . 5.29 12.97 10.73
C23 MRQ L . 4.71 13.86 11.84
C24 MRQ L . 5.49 14.84 12.47
C25 MRQ L . 4.97 15.67 13.49
C26 MRQ L . 3.65 15.52 13.95
C27 MRQ L . 2.83 14.55 13.32
C28 MRQ L . 3.36 13.73 12.28
C29 MRQ L . 2.45 12.71 11.63
C30 MRQ L . 0.25 12.71 9.58
C31 MRQ L . 0.99 11.61 8.79
C32 MRQ L . -0.04 10.60 8.22
C33 MRQ L . 1.79 13.22 6.91
C4 MRQ L . 2.41 14.29 4.59
C5 MRQ L . 2.91 13.66 5.88
C6 MRQ L . 4.69 11.90 6.27
C7 MRQ L . 4.77 10.36 6.17
C8 MRQ L . 6.00 9.77 6.71
C9 MRQ L . 7.06 9.08 6.11
N4 MRQ L . 3.44 12.35 5.80
N5 MRQ L . 6.25 9.85 7.98
N6 MRQ L . 5.55 11.63 11.27
N7 MRQ L . -0.10 10.20 6.85
N8 MRQ L . 2.02 12.10 7.82
O1 MRQ L . 5.50 12.69 6.71
O4 MRQ L . -0.84 10.08 8.90
O5 MRQ L . 0.76 13.78 6.96
S1 MRQ L . 1.51 13.74 10.44
C20 MRQ L . 9.68 11.42 12.53
NA NA M . 2.60 25.61 5.72
#